data_5T68
#
_entry.id   5T68
#
_cell.length_a   38.605
_cell.length_b   40.030
_cell.length_c   84.046
_cell.angle_alpha   90.16
_cell.angle_beta   89.98
_cell.angle_gamma   99.80
#
_symmetry.space_group_name_H-M   'P 1'
#
loop_
_entity.id
_entity.type
_entity.pdbx_description
1 polymer 'Tyrosine-protein kinase SYK'
2 non-polymer N~4~-cyclopropyl-N~2~-(3-methyl-1H-indazol-6-yl)furo[3,2-d]pyrimidine-2,4-diamine
3 water water
#
_entity_poly.entity_id   1
_entity_poly.type   'polypeptide(L)'
_entity_poly.pdbx_seq_one_letter_code
;MALEEIRPKEVYLDRKLLTLEDKELGSGNFGTVKKGYYQMKKVVKTVAVKILKNEANDPALKDELLAEANVMQQLDNPYI
VRMIGICEAESWMLVMEMAELGPLNKYLQQNRHVKDKNIIELVHQVSMGMKYLEESNFVHRDLAARNVLLVTQHYAKISD
FGLSKALRADENYYKAQTHGKWPVKWYAPECINYYKFSSKSDVWSFGVLMWEAFSYGQKPYRGMKGSEVTAMLEKGERMG
CPAGCPREMYDLMNLCWTYDVENRPGFAAVELRLRNYYYDVVNEGHHHHHH
;
_entity_poly.pdbx_strand_id   A,B
#
# COMPACT_ATOMS: atom_id res chain seq x y z
N VAL A 11 23.85 4.97 -14.17
CA VAL A 11 22.65 5.16 -13.36
C VAL A 11 22.21 6.64 -13.34
N TYR A 12 21.97 7.22 -14.54
CA TYR A 12 21.54 8.62 -14.66
C TYR A 12 20.17 8.72 -15.31
N LEU A 13 19.14 8.41 -14.53
CA LEU A 13 17.70 8.37 -14.83
C LEU A 13 17.16 9.57 -15.65
N ASP A 14 16.11 9.30 -16.45
CA ASP A 14 15.47 10.24 -17.37
C ASP A 14 14.26 10.93 -16.73
N ARG A 15 14.39 12.24 -16.48
CA ARG A 15 13.38 13.10 -15.86
C ARG A 15 11.96 12.98 -16.47
N LYS A 16 11.85 12.53 -17.73
CA LYS A 16 10.53 12.37 -18.35
C LYS A 16 9.76 11.20 -17.70
N LEU A 17 10.48 10.10 -17.38
CA LEU A 17 9.97 8.89 -16.75
C LEU A 17 9.57 9.11 -15.28
N LEU A 18 10.37 9.87 -14.53
CA LEU A 18 10.11 10.21 -13.13
C LEU A 18 8.89 11.13 -12.94
N THR A 19 7.99 10.77 -12.00
CA THR A 19 6.77 11.50 -11.62
C THR A 19 6.62 11.67 -10.09
N LEU A 20 6.78 12.91 -9.58
CA LEU A 20 6.76 13.23 -8.14
C LEU A 20 5.38 13.63 -7.59
N GLU A 21 5.13 13.29 -6.32
CA GLU A 21 3.85 13.42 -5.62
C GLU A 21 3.54 14.76 -4.95
N ASP A 22 4.30 15.85 -5.24
CA ASP A 22 4.08 17.19 -4.67
C ASP A 22 3.81 17.21 -3.13
N LYS A 23 4.27 16.15 -2.41
CA LYS A 23 4.13 15.96 -0.96
C LYS A 23 5.24 15.05 -0.43
N GLU A 24 5.91 15.51 0.64
CA GLU A 24 7.04 14.84 1.24
C GLU A 24 6.72 13.71 2.19
N LEU A 25 7.59 12.71 2.23
CA LEU A 25 7.57 11.61 3.20
C LEU A 25 8.87 11.64 4.05
N GLY A 26 9.70 12.64 3.77
CA GLY A 26 10.96 12.90 4.44
C GLY A 26 11.38 14.35 4.47
N SER A 27 12.45 14.64 5.23
CA SER A 27 13.07 15.96 5.44
C SER A 27 14.50 15.78 5.96
N GLY A 28 15.27 16.87 5.90
CA GLY A 28 16.65 16.90 6.40
C GLY A 28 17.47 18.08 5.93
N ASN A 29 18.74 18.12 6.40
CA ASN A 29 19.75 19.13 6.04
C ASN A 29 20.00 19.09 4.52
N PHE A 30 19.88 17.87 3.94
CA PHE A 30 20.00 17.58 2.52
C PHE A 30 18.89 18.26 1.69
N GLY A 31 17.65 18.10 2.13
CA GLY A 31 16.47 18.65 1.48
C GLY A 31 15.24 17.86 1.88
N THR A 32 14.37 17.57 0.89
CA THR A 32 13.13 16.84 1.10
C THR A 32 13.12 15.52 0.35
N VAL A 33 12.40 14.53 0.90
CA VAL A 33 12.22 13.22 0.30
C VAL A 33 10.75 13.14 -0.10
N LYS A 34 10.45 13.25 -1.42
CA LYS A 34 9.09 13.19 -1.94
C LYS A 34 8.78 11.81 -2.56
N LYS A 35 7.47 11.42 -2.59
CA LYS A 35 7.07 10.16 -3.20
C LYS A 35 7.05 10.33 -4.70
N GLY A 36 7.36 9.26 -5.45
CA GLY A 36 7.39 9.33 -6.89
C GLY A 36 7.00 8.05 -7.58
N TYR A 37 7.04 8.09 -8.93
CA TYR A 37 6.72 6.96 -9.81
C TYR A 37 7.66 7.03 -11.00
N TYR A 38 8.42 5.97 -11.22
CA TYR A 38 9.38 5.95 -12.30
C TYR A 38 8.94 4.92 -13.34
N GLN A 39 8.72 5.37 -14.60
CA GLN A 39 8.30 4.56 -15.77
C GLN A 39 9.39 3.56 -16.11
N MET A 40 9.41 2.47 -15.34
CA MET A 40 10.35 1.36 -15.37
C MET A 40 10.12 0.45 -16.59
N LYS A 41 11.11 -0.45 -16.91
CA LYS A 41 11.19 -1.42 -18.02
C LYS A 41 9.86 -1.61 -18.82
N LYS A 42 8.75 -2.05 -18.15
CA LYS A 42 7.41 -2.23 -18.77
C LYS A 42 6.26 -1.70 -17.88
N VAL A 43 6.50 -1.69 -16.55
CA VAL A 43 5.57 -1.25 -15.49
C VAL A 43 5.97 0.12 -14.94
N VAL A 44 5.57 0.40 -13.69
CA VAL A 44 5.83 1.63 -12.95
C VAL A 44 6.21 1.22 -11.54
N LYS A 45 7.43 1.58 -11.12
CA LYS A 45 7.99 1.31 -9.80
C LYS A 45 7.76 2.55 -8.92
N THR A 46 7.15 2.38 -7.73
CA THR A 46 6.94 3.49 -6.81
C THR A 46 8.30 3.77 -6.20
N VAL A 47 8.75 5.01 -6.28
CA VAL A 47 10.07 5.36 -5.77
C VAL A 47 10.02 6.42 -4.69
N ALA A 48 10.98 6.36 -3.73
CA ALA A 48 11.24 7.37 -2.68
C ALA A 48 12.29 8.28 -3.32
N VAL A 49 12.12 9.61 -3.28
CA VAL A 49 13.15 10.42 -3.97
C VAL A 49 13.72 11.57 -3.11
N LYS A 50 14.99 11.40 -2.71
CA LYS A 50 15.80 12.37 -1.96
C LYS A 50 16.17 13.51 -2.93
N ILE A 51 15.63 14.71 -2.66
CA ILE A 51 15.85 15.87 -3.51
C ILE A 51 16.70 16.94 -2.82
N LEU A 52 17.81 17.35 -3.46
CA LEU A 52 18.69 18.39 -2.91
C LEU A 52 18.01 19.73 -3.08
N LYS A 53 17.95 20.53 -1.99
CA LYS A 53 17.30 21.84 -1.94
C LYS A 53 17.96 22.89 -2.85
N PRO A 59 27.49 21.94 -3.65
CA PRO A 59 28.32 22.12 -2.45
C PRO A 59 28.80 20.77 -1.88
N ALA A 60 28.83 20.64 -0.53
CA ALA A 60 29.18 19.40 0.17
C ALA A 60 27.93 18.50 0.20
N LEU A 61 26.74 19.13 0.16
CA LEU A 61 25.44 18.46 0.11
C LEU A 61 25.32 17.59 -1.15
N LYS A 62 26.04 17.96 -2.24
CA LYS A 62 26.07 17.24 -3.51
C LYS A 62 27.12 16.13 -3.47
N ASP A 63 28.21 16.34 -2.69
CA ASP A 63 29.29 15.37 -2.48
C ASP A 63 28.79 14.27 -1.54
N GLU A 64 28.01 14.66 -0.50
CA GLU A 64 27.39 13.77 0.48
C GLU A 64 26.36 12.87 -0.17
N LEU A 65 25.56 13.43 -1.10
CA LEU A 65 24.55 12.70 -1.84
C LEU A 65 25.19 11.77 -2.89
N LEU A 66 26.40 12.12 -3.37
CA LEU A 66 27.13 11.28 -4.32
C LEU A 66 27.83 10.16 -3.55
N ALA A 67 28.14 10.42 -2.26
CA ALA A 67 28.73 9.42 -1.37
C ALA A 67 27.66 8.36 -1.10
N GLU A 68 26.50 8.77 -0.55
CA GLU A 68 25.35 7.89 -0.29
C GLU A 68 24.94 7.08 -1.54
N ALA A 69 24.97 7.72 -2.73
CA ALA A 69 24.66 7.10 -4.03
C ALA A 69 25.69 6.02 -4.41
N ASN A 70 26.96 6.18 -3.95
CA ASN A 70 28.05 5.22 -4.21
C ASN A 70 27.95 4.04 -3.24
N VAL A 71 27.76 4.31 -1.91
CA VAL A 71 27.58 3.30 -0.85
C VAL A 71 26.39 2.40 -1.25
N MET A 72 25.32 3.01 -1.84
CA MET A 72 24.13 2.30 -2.28
C MET A 72 24.35 1.42 -3.50
N GLN A 73 24.84 2.00 -4.63
CA GLN A 73 25.13 1.29 -5.91
C GLN A 73 25.87 -0.07 -5.74
N GLN A 74 26.76 -0.12 -4.71
CA GLN A 74 27.56 -1.28 -4.35
C GLN A 74 26.72 -2.36 -3.67
N LEU A 75 25.95 -1.96 -2.64
CA LEU A 75 25.12 -2.88 -1.87
C LEU A 75 23.90 -3.38 -2.64
N ASP A 76 23.78 -4.71 -2.72
CA ASP A 76 22.69 -5.44 -3.38
C ASP A 76 22.22 -6.54 -2.42
N ASN A 77 21.12 -6.29 -1.71
CA ASN A 77 20.60 -7.24 -0.72
C ASN A 77 19.13 -6.94 -0.51
N PRO A 78 18.26 -7.95 -0.30
CA PRO A 78 16.84 -7.66 -0.10
C PRO A 78 16.54 -6.71 1.04
N TYR A 79 17.22 -6.91 2.18
CA TYR A 79 17.02 -6.17 3.44
C TYR A 79 17.75 -4.84 3.49
N ILE A 80 18.28 -4.39 2.34
CA ILE A 80 18.93 -3.09 2.19
C ILE A 80 18.23 -2.36 1.03
N VAL A 81 17.75 -1.12 1.28
CA VAL A 81 17.10 -0.23 0.31
C VAL A 81 17.91 -0.25 -0.98
N ARG A 82 17.32 -0.74 -2.08
CA ARG A 82 17.99 -0.78 -3.37
C ARG A 82 17.84 0.61 -3.99
N MET A 83 18.88 1.08 -4.69
CA MET A 83 18.86 2.37 -5.36
C MET A 83 18.43 2.10 -6.80
N ILE A 84 17.70 3.04 -7.40
CA ILE A 84 17.26 2.94 -8.80
C ILE A 84 18.15 3.82 -9.70
N GLY A 85 18.74 4.89 -9.15
CA GLY A 85 19.64 5.77 -9.90
C GLY A 85 19.57 7.24 -9.54
N ILE A 86 20.50 8.03 -10.10
CA ILE A 86 20.62 9.49 -9.93
C ILE A 86 19.78 10.16 -11.04
N CYS A 87 19.30 11.40 -10.85
CA CYS A 87 18.50 12.12 -11.84
C CYS A 87 18.80 13.62 -11.73
N GLU A 88 19.58 14.15 -12.68
CA GLU A 88 19.98 15.55 -12.72
C GLU A 88 18.94 16.35 -13.50
N ALA A 89 18.19 17.23 -12.82
CA ALA A 89 17.14 18.04 -13.45
C ALA A 89 17.07 19.47 -12.88
N GLU A 90 15.89 19.91 -12.39
CA GLU A 90 15.71 21.23 -11.76
C GLU A 90 16.46 21.26 -10.44
N SER A 91 16.64 20.06 -9.83
CA SER A 91 17.39 19.79 -8.59
C SER A 91 18.06 18.39 -8.69
N TRP A 92 18.76 17.94 -7.62
CA TRP A 92 19.39 16.63 -7.60
C TRP A 92 18.46 15.57 -7.03
N MET A 93 18.30 14.47 -7.76
CA MET A 93 17.41 13.42 -7.34
C MET A 93 18.11 12.09 -7.17
N LEU A 94 18.05 11.56 -5.95
CA LEU A 94 18.55 10.24 -5.59
C LEU A 94 17.31 9.34 -5.58
N VAL A 95 17.17 8.48 -6.59
CA VAL A 95 15.98 7.65 -6.72
C VAL A 95 16.17 6.27 -6.08
N MET A 96 15.38 5.97 -5.04
CA MET A 96 15.47 4.70 -4.30
C MET A 96 14.14 3.91 -4.28
N GLU A 97 14.24 2.60 -3.96
CA GLU A 97 13.14 1.65 -3.81
C GLU A 97 12.35 2.06 -2.56
N MET A 98 11.15 2.60 -2.78
CA MET A 98 10.19 3.08 -1.78
C MET A 98 9.81 2.03 -0.70
N ALA A 99 9.91 2.39 0.59
CA ALA A 99 9.51 1.55 1.71
C ALA A 99 8.13 2.06 2.14
N GLU A 100 7.10 1.44 1.55
CA GLU A 100 5.68 1.74 1.60
C GLU A 100 5.08 2.05 2.98
N LEU A 101 5.65 1.55 4.09
CA LEU A 101 5.09 1.75 5.43
C LEU A 101 5.85 2.76 6.33
N GLY A 102 7.09 3.06 5.98
CA GLY A 102 7.87 4.08 6.69
C GLY A 102 8.79 3.65 7.80
N PRO A 103 9.35 4.67 8.53
CA PRO A 103 10.32 4.36 9.60
C PRO A 103 9.72 3.57 10.76
N LEU A 104 10.44 2.52 11.21
CA LEU A 104 10.06 1.57 12.26
C LEU A 104 9.73 2.20 13.64
N ASN A 105 10.41 3.28 14.05
CA ASN A 105 10.08 3.87 15.33
C ASN A 105 8.72 4.51 15.27
N LYS A 106 8.45 5.33 14.22
CA LYS A 106 7.17 5.99 14.03
C LYS A 106 6.04 5.00 13.74
N TYR A 107 6.37 3.83 13.14
CA TYR A 107 5.40 2.78 12.87
C TYR A 107 5.05 2.00 14.14
N LEU A 108 6.04 1.63 14.97
CA LEU A 108 5.73 0.84 16.17
C LEU A 108 5.03 1.66 17.27
N GLN A 109 5.22 3.01 17.26
CA GLN A 109 4.55 3.92 18.18
C GLN A 109 3.03 3.80 17.92
N GLN A 110 2.61 4.02 16.66
CA GLN A 110 1.24 3.99 16.14
C GLN A 110 0.52 2.64 16.23
N ASN A 111 1.20 1.54 15.85
CA ASN A 111 0.64 0.18 15.87
C ASN A 111 1.23 -0.64 17.03
N ARG A 112 0.55 -0.72 18.19
CA ARG A 112 1.05 -1.48 19.36
C ARG A 112 0.59 -2.94 19.38
N HIS A 113 -0.40 -3.27 18.53
CA HIS A 113 -0.98 -4.60 18.34
C HIS A 113 0.01 -5.52 17.61
N VAL A 114 1.14 -4.92 17.15
CA VAL A 114 2.21 -5.63 16.46
C VAL A 114 2.73 -6.64 17.47
N LYS A 115 2.43 -7.93 17.24
CA LYS A 115 2.82 -9.00 18.16
C LYS A 115 4.33 -9.25 18.15
N ASP A 116 4.88 -9.69 19.29
CA ASP A 116 6.30 -10.00 19.53
C ASP A 116 6.99 -10.72 18.35
N LYS A 117 6.30 -11.73 17.78
CA LYS A 117 6.78 -12.53 16.66
C LYS A 117 7.07 -11.64 15.46
N ASN A 118 6.15 -10.70 15.16
CA ASN A 118 6.31 -9.75 14.05
C ASN A 118 7.57 -8.91 14.29
N ILE A 119 7.81 -8.53 15.56
CA ILE A 119 8.97 -7.72 15.96
C ILE A 119 10.31 -8.51 15.76
N ILE A 120 10.39 -9.77 16.25
CA ILE A 120 11.57 -10.62 16.01
C ILE A 120 11.90 -10.78 14.54
N GLU A 121 10.90 -11.13 13.70
CA GLU A 121 11.03 -11.27 12.24
C GLU A 121 11.70 -10.03 11.66
N LEU A 122 11.19 -8.81 12.00
CA LEU A 122 11.74 -7.52 11.56
C LEU A 122 13.18 -7.26 12.00
N VAL A 123 13.49 -7.38 13.30
CA VAL A 123 14.88 -7.19 13.77
C VAL A 123 15.82 -8.27 13.14
N HIS A 124 15.30 -9.49 12.88
CA HIS A 124 16.08 -10.55 12.24
C HIS A 124 16.38 -10.18 10.80
N GLN A 125 15.49 -9.42 10.15
CA GLN A 125 15.73 -8.95 8.78
C GLN A 125 16.83 -7.86 8.79
N VAL A 126 16.89 -7.05 9.86
CA VAL A 126 17.93 -6.02 10.00
C VAL A 126 19.27 -6.74 10.19
N SER A 127 19.30 -7.79 11.07
CA SER A 127 20.49 -8.61 11.34
C SER A 127 20.98 -9.35 10.09
N MET A 128 20.11 -9.57 9.10
CA MET A 128 20.52 -10.18 7.84
C MET A 128 21.22 -9.16 6.96
N GLY A 129 20.56 -8.02 6.72
CA GLY A 129 21.08 -6.90 5.96
C GLY A 129 22.38 -6.39 6.53
N MET A 130 22.46 -6.33 7.88
CA MET A 130 23.68 -5.88 8.56
C MET A 130 24.81 -6.87 8.35
N LYS A 131 24.52 -8.22 8.45
CA LYS A 131 25.48 -9.30 8.19
C LYS A 131 26.08 -9.19 6.76
N TYR A 132 25.30 -8.70 5.77
CA TYR A 132 25.78 -8.46 4.41
C TYR A 132 26.75 -7.27 4.45
N LEU A 133 26.35 -6.19 5.17
CA LEU A 133 27.14 -4.96 5.30
C LEU A 133 28.49 -5.28 5.92
N GLU A 134 28.50 -6.21 6.88
CA GLU A 134 29.70 -6.72 7.54
C GLU A 134 30.59 -7.44 6.50
N GLU A 135 30.05 -8.44 5.80
CA GLU A 135 30.73 -9.22 4.79
C GLU A 135 31.28 -8.36 3.64
N SER A 136 30.56 -7.30 3.27
CA SER A 136 30.96 -6.36 2.23
C SER A 136 31.96 -5.29 2.70
N ASN A 137 32.31 -5.29 3.99
CA ASN A 137 33.26 -4.36 4.60
C ASN A 137 32.74 -2.92 4.66
N PHE A 138 31.48 -2.77 5.08
CA PHE A 138 30.84 -1.47 5.26
C PHE A 138 30.39 -1.30 6.71
N VAL A 139 30.57 -0.06 7.21
CA VAL A 139 30.17 0.46 8.52
C VAL A 139 28.89 1.28 8.26
N HIS A 140 27.80 1.05 9.04
CA HIS A 140 26.58 1.83 8.80
C HIS A 140 26.72 3.22 9.45
N ARG A 141 27.17 3.25 10.72
CA ARG A 141 27.44 4.42 11.56
C ARG A 141 26.19 5.25 12.04
N ASP A 142 24.98 4.90 11.59
CA ASP A 142 23.73 5.60 11.95
C ASP A 142 22.56 4.58 12.10
N LEU A 143 22.87 3.27 12.20
CA LEU A 143 21.90 2.17 12.35
C LEU A 143 21.00 2.41 13.56
N ALA A 144 19.71 2.73 13.31
CA ALA A 144 18.72 3.06 14.36
C ALA A 144 17.30 2.68 13.95
N ALA A 145 16.32 2.74 14.88
CA ALA A 145 14.92 2.44 14.55
C ALA A 145 14.41 3.40 13.46
N ARG A 146 14.84 4.67 13.51
CA ARG A 146 14.47 5.66 12.49
C ARG A 146 14.90 5.23 11.06
N ASN A 147 16.16 4.81 10.92
CA ASN A 147 16.78 4.41 9.65
C ASN A 147 16.42 3.00 9.16
N VAL A 148 15.46 2.29 9.81
CA VAL A 148 14.95 0.99 9.35
C VAL A 148 13.53 1.27 8.84
N LEU A 149 13.32 1.16 7.52
CA LEU A 149 12.02 1.42 6.91
C LEU A 149 11.32 0.11 6.46
N LEU A 150 9.97 0.09 6.42
CA LEU A 150 9.15 -1.11 6.10
C LEU A 150 8.52 -1.17 4.67
N VAL A 151 8.70 -2.30 3.98
CA VAL A 151 8.12 -2.53 2.65
C VAL A 151 6.66 -3.02 2.84
N THR A 152 6.50 -3.99 3.74
CA THR A 152 5.23 -4.55 4.21
C THR A 152 5.36 -4.51 5.75
N GLN A 153 4.37 -5.02 6.50
CA GLN A 153 4.44 -5.08 7.96
C GLN A 153 5.44 -6.18 8.38
N HIS A 154 5.81 -7.05 7.43
CA HIS A 154 6.71 -8.17 7.67
C HIS A 154 7.91 -8.13 6.69
N TYR A 155 8.44 -6.92 6.36
CA TYR A 155 9.58 -6.76 5.43
C TYR A 155 10.26 -5.42 5.71
N ALA A 156 11.49 -5.47 6.29
CA ALA A 156 12.29 -4.29 6.65
C ALA A 156 13.49 -4.08 5.77
N LYS A 157 13.85 -2.82 5.54
CA LYS A 157 15.03 -2.45 4.76
C LYS A 157 15.86 -1.44 5.52
N ILE A 158 17.20 -1.61 5.51
CA ILE A 158 18.12 -0.69 6.18
C ILE A 158 18.35 0.54 5.29
N SER A 159 18.04 1.74 5.80
CA SER A 159 18.24 2.99 5.07
C SER A 159 19.23 3.93 5.77
N ASP A 160 19.37 5.14 5.18
CA ASP A 160 20.21 6.28 5.54
C ASP A 160 21.67 5.88 5.63
N PHE A 161 22.38 6.00 4.48
CA PHE A 161 23.79 5.64 4.29
C PHE A 161 24.73 6.87 4.21
N GLY A 162 24.39 7.95 4.91
CA GLY A 162 25.12 9.20 4.89
C GLY A 162 26.34 9.26 5.78
N LEU A 163 26.37 8.39 6.78
CA LEU A 163 27.52 8.31 7.68
C LEU A 163 28.34 7.06 7.34
N SER A 164 27.74 6.15 6.56
CA SER A 164 28.28 4.88 6.14
C SER A 164 29.66 5.03 5.45
N LYS A 165 30.56 4.07 5.69
CA LYS A 165 31.88 4.13 5.14
C LYS A 165 32.38 2.80 4.56
N ALA A 166 32.97 2.87 3.35
CA ALA A 166 33.54 1.72 2.70
C ALA A 166 34.92 1.59 3.32
N LEU A 167 35.21 0.39 3.86
CA LEU A 167 36.50 0.12 4.49
C LEU A 167 37.57 -0.30 3.48
N ARG A 168 38.85 -0.08 3.84
CA ARG A 168 40.01 -0.51 3.08
C ARG A 168 40.18 -2.01 3.30
N ALA A 169 40.83 -2.71 2.36
CA ALA A 169 41.02 -4.17 2.40
C ALA A 169 41.81 -4.64 3.62
N ASP A 170 42.85 -3.89 3.99
CA ASP A 170 43.72 -4.21 5.11
C ASP A 170 43.18 -3.63 6.42
N GLU A 171 42.09 -2.82 6.35
CA GLU A 171 41.54 -2.15 7.54
C GLU A 171 40.30 -2.81 8.10
N ASN A 172 40.25 -2.86 9.43
CA ASN A 172 39.24 -3.45 10.28
C ASN A 172 38.29 -2.39 10.82
N TYR A 173 38.75 -1.15 10.90
CA TYR A 173 37.92 -0.06 11.40
C TYR A 173 38.14 1.28 10.69
N TYR A 174 37.24 2.24 10.95
CA TYR A 174 37.24 3.60 10.43
C TYR A 174 37.55 4.49 11.60
N LYS A 175 38.12 5.67 11.40
CA LYS A 175 38.45 6.61 12.49
C LYS A 175 38.00 8.05 12.12
N ALA A 176 36.99 8.58 12.82
CA ALA A 176 36.42 9.92 12.61
C ALA A 176 37.45 11.02 12.84
N LYS A 181 25.17 13.81 13.31
CA LYS A 181 26.61 13.87 13.61
C LYS A 181 27.02 13.02 14.83
N TRP A 182 26.37 13.20 16.01
CA TRP A 182 26.72 12.39 17.18
C TRP A 182 25.54 11.59 17.76
N PRO A 183 25.10 10.47 17.11
CA PRO A 183 24.04 9.64 17.71
C PRO A 183 24.54 8.72 18.86
N VAL A 184 25.26 9.31 19.85
CA VAL A 184 25.87 8.77 21.09
C VAL A 184 25.01 7.71 21.85
N LYS A 185 23.69 7.69 21.62
CA LYS A 185 22.83 6.72 22.27
C LYS A 185 22.93 5.33 21.59
N TRP A 186 23.27 5.34 20.29
CA TRP A 186 23.46 4.17 19.45
C TRP A 186 24.92 3.79 19.35
N TYR A 187 25.80 4.68 19.81
CA TYR A 187 27.25 4.49 19.73
C TYR A 187 27.84 3.66 20.84
N ALA A 188 28.75 2.77 20.45
CA ALA A 188 29.51 1.91 21.32
C ALA A 188 30.59 2.73 22.06
N PRO A 189 31.07 2.25 23.22
CA PRO A 189 32.13 2.98 23.95
C PRO A 189 33.41 3.33 23.14
N GLU A 190 33.86 2.45 22.21
CA GLU A 190 35.08 2.77 21.46
C GLU A 190 34.87 3.90 20.45
N CYS A 191 33.61 4.12 19.97
CA CYS A 191 33.22 5.23 19.07
C CYS A 191 33.29 6.53 19.83
N ILE A 192 32.87 6.52 21.12
CA ILE A 192 32.85 7.67 21.99
C ILE A 192 34.26 8.02 22.40
N ASN A 193 34.94 7.05 23.03
CA ASN A 193 36.28 7.19 23.57
C ASN A 193 37.35 7.41 22.52
N TYR A 194 37.43 6.52 21.49
CA TYR A 194 38.51 6.53 20.50
C TYR A 194 38.11 6.72 19.04
N TYR A 195 36.85 7.10 18.75
CA TYR A 195 36.35 7.41 17.40
C TYR A 195 36.45 6.29 16.35
N LYS A 196 36.86 5.06 16.76
CA LYS A 196 36.96 3.90 15.88
C LYS A 196 35.58 3.32 15.66
N PHE A 197 35.20 3.07 14.39
CA PHE A 197 33.90 2.46 14.04
C PHE A 197 34.19 1.25 13.19
N SER A 198 33.53 0.15 13.51
CA SER A 198 33.65 -1.09 12.76
C SER A 198 32.26 -1.72 12.76
N SER A 199 32.13 -2.93 12.21
CA SER A 199 30.85 -3.65 12.20
C SER A 199 30.40 -4.07 13.57
N LYS A 200 31.35 -4.13 14.54
CA LYS A 200 31.08 -4.44 15.93
C LYS A 200 30.43 -3.24 16.58
N SER A 201 30.75 -2.00 16.13
CA SER A 201 30.13 -0.78 16.64
C SER A 201 28.66 -0.70 16.20
N ASP A 202 28.35 -1.29 15.00
CA ASP A 202 27.00 -1.37 14.43
C ASP A 202 26.22 -2.44 15.20
N VAL A 203 26.93 -3.42 15.85
CA VAL A 203 26.38 -4.49 16.69
C VAL A 203 25.93 -3.83 17.99
N TRP A 204 26.62 -2.76 18.43
CA TRP A 204 26.17 -2.02 19.60
C TRP A 204 24.87 -1.27 19.24
N SER A 205 24.84 -0.63 18.08
CA SER A 205 23.72 0.16 17.60
C SER A 205 22.53 -0.72 17.43
N PHE A 206 22.79 -1.93 16.90
CA PHE A 206 21.81 -2.97 16.67
C PHE A 206 21.16 -3.39 17.96
N GLY A 207 21.93 -3.38 19.04
CA GLY A 207 21.45 -3.68 20.38
C GLY A 207 20.41 -2.67 20.79
N VAL A 208 20.78 -1.37 20.70
CA VAL A 208 19.98 -0.17 20.99
C VAL A 208 18.72 -0.13 20.07
N LEU A 209 18.87 -0.50 18.77
CA LEU A 209 17.80 -0.65 17.76
C LEU A 209 16.82 -1.74 18.20
N MET A 210 17.33 -2.96 18.56
CA MET A 210 16.55 -4.10 19.05
C MET A 210 15.73 -3.66 20.28
N TRP A 211 16.34 -2.89 21.19
CA TRP A 211 15.67 -2.35 22.37
C TRP A 211 14.44 -1.54 21.90
N GLU A 212 14.67 -0.46 21.10
CA GLU A 212 13.69 0.47 20.52
C GLU A 212 12.46 -0.19 19.93
N ALA A 213 12.65 -1.32 19.24
CA ALA A 213 11.54 -2.04 18.63
C ALA A 213 10.67 -2.66 19.69
N PHE A 214 11.22 -3.48 20.58
CA PHE A 214 10.47 -4.12 21.65
C PHE A 214 9.78 -3.12 22.60
N SER A 215 10.30 -1.86 22.63
CA SER A 215 9.78 -0.70 23.40
C SER A 215 8.61 -0.05 22.64
N TYR A 216 8.61 -0.20 21.30
CA TYR A 216 7.64 0.34 20.35
C TYR A 216 7.93 1.80 20.05
N GLY A 217 9.17 2.05 19.63
CA GLY A 217 9.60 3.38 19.25
C GLY A 217 9.86 4.31 20.42
N GLN A 218 9.92 3.75 21.65
CA GLN A 218 10.26 4.55 22.82
C GLN A 218 11.76 4.92 22.65
N LYS A 219 12.10 6.19 22.86
CA LYS A 219 13.46 6.69 22.69
C LYS A 219 14.42 6.10 23.75
N PRO A 220 15.63 5.63 23.32
CA PRO A 220 16.58 5.04 24.29
C PRO A 220 17.07 6.06 25.32
N TYR A 221 17.51 5.57 26.50
CA TYR A 221 18.03 6.36 27.60
C TYR A 221 17.22 7.65 27.72
N ARG A 222 15.89 7.52 27.87
CA ARG A 222 14.96 8.65 27.94
C ARG A 222 15.42 9.71 28.91
N GLY A 223 15.56 10.94 28.42
CA GLY A 223 15.97 12.10 29.21
C GLY A 223 17.45 12.26 29.50
N MET A 224 18.24 11.18 29.41
CA MET A 224 19.69 11.26 29.66
C MET A 224 20.45 12.02 28.56
N LYS A 225 21.49 12.78 28.95
CA LYS A 225 22.35 13.54 28.05
C LYS A 225 23.43 12.59 27.53
N GLY A 226 24.23 13.04 26.57
CA GLY A 226 25.30 12.25 25.96
C GLY A 226 26.33 11.69 26.93
N SER A 227 26.85 12.54 27.81
CA SER A 227 27.86 12.11 28.80
C SER A 227 27.24 11.18 29.84
N GLU A 228 25.95 11.43 30.21
CA GLU A 228 25.17 10.62 31.16
C GLU A 228 25.12 9.16 30.68
N VAL A 229 24.91 8.95 29.36
CA VAL A 229 24.86 7.65 28.69
C VAL A 229 26.24 6.98 28.77
N THR A 230 27.31 7.74 28.48
CA THR A 230 28.73 7.31 28.51
C THR A 230 29.09 6.84 29.93
N ALA A 231 28.72 7.66 30.95
CA ALA A 231 28.97 7.40 32.37
C ALA A 231 28.26 6.14 32.84
N MET A 232 27.00 5.93 32.36
CA MET A 232 26.16 4.77 32.68
C MET A 232 26.81 3.50 32.18
N LEU A 233 27.23 3.49 30.89
CA LEU A 233 27.85 2.32 30.26
C LEU A 233 29.20 1.97 30.87
N GLU A 234 29.99 2.98 31.31
CA GLU A 234 31.28 2.75 31.99
C GLU A 234 31.11 2.06 33.35
N LYS A 235 29.93 2.28 34.00
CA LYS A 235 29.52 1.70 35.28
C LYS A 235 28.94 0.26 35.11
N GLY A 236 28.99 -0.27 33.88
CA GLY A 236 28.44 -1.58 33.55
C GLY A 236 26.92 -1.60 33.63
N GLU A 237 26.31 -0.41 33.52
CA GLU A 237 24.86 -0.26 33.56
C GLU A 237 24.28 -0.18 32.16
N ARG A 238 23.12 -0.81 31.95
CA ARG A 238 22.48 -0.92 30.67
C ARG A 238 21.01 -0.60 30.80
N MET A 239 20.30 -0.38 29.66
CA MET A 239 18.87 -0.17 29.64
C MET A 239 18.27 -1.53 29.89
N GLY A 240 17.17 -1.53 30.63
CA GLY A 240 16.44 -2.73 31.02
C GLY A 240 15.66 -3.38 29.90
N CYS A 241 14.92 -4.41 30.29
CA CYS A 241 14.10 -5.18 29.41
C CYS A 241 12.78 -4.46 29.20
N PRO A 242 12.51 -3.91 27.98
CA PRO A 242 11.20 -3.27 27.76
C PRO A 242 10.07 -4.25 28.08
N ALA A 243 8.92 -3.72 28.51
CA ALA A 243 7.74 -4.49 28.89
C ALA A 243 7.30 -5.46 27.80
N GLY A 244 7.19 -6.72 28.19
CA GLY A 244 6.76 -7.82 27.34
C GLY A 244 7.71 -8.24 26.23
N CYS A 245 9.01 -7.99 26.41
CA CYS A 245 10.02 -8.38 25.42
C CYS A 245 10.46 -9.80 25.75
N PRO A 246 10.49 -10.74 24.79
CA PRO A 246 10.97 -12.11 25.10
C PRO A 246 12.37 -12.06 25.74
N ARG A 247 12.52 -12.72 26.91
CA ARG A 247 13.78 -12.77 27.65
C ARG A 247 14.97 -13.05 26.75
N GLU A 248 14.83 -14.03 25.83
CA GLU A 248 15.93 -14.41 24.91
C GLU A 248 16.37 -13.25 23.98
N MET A 249 15.52 -12.21 23.81
CA MET A 249 15.86 -11.03 23.00
C MET A 249 16.59 -10.00 23.84
N TYR A 250 16.16 -9.84 25.11
CA TYR A 250 16.88 -8.98 26.04
C TYR A 250 18.25 -9.59 26.33
N ASP A 251 18.32 -10.93 26.43
CA ASP A 251 19.55 -11.68 26.59
C ASP A 251 20.50 -11.21 25.51
N LEU A 252 20.07 -11.30 24.23
CA LEU A 252 20.87 -10.89 23.09
C LEU A 252 21.26 -9.38 23.10
N MET A 253 20.35 -8.47 23.52
CA MET A 253 20.65 -7.02 23.58
C MET A 253 21.90 -6.76 24.40
N ASN A 254 21.99 -7.37 25.58
CA ASN A 254 23.14 -7.21 26.45
C ASN A 254 24.36 -7.83 25.83
N LEU A 255 24.21 -8.93 25.07
CA LEU A 255 25.33 -9.54 24.35
C LEU A 255 25.88 -8.56 23.29
N CYS A 256 24.98 -7.85 22.55
CA CYS A 256 25.27 -6.76 21.61
C CYS A 256 26.05 -5.64 22.34
N TRP A 257 25.62 -5.39 23.59
CA TRP A 257 26.08 -4.33 24.47
C TRP A 257 27.37 -4.65 25.28
N THR A 258 28.22 -5.59 24.80
CA THR A 258 29.48 -5.96 25.45
C THR A 258 30.42 -4.76 25.39
N TYR A 259 30.98 -4.27 26.54
CA TYR A 259 31.92 -3.11 26.49
C TYR A 259 33.12 -3.40 25.55
N ASP A 260 33.80 -4.55 25.78
CA ASP A 260 34.98 -5.00 25.04
C ASP A 260 34.66 -5.42 23.59
N VAL A 261 35.23 -4.70 22.65
CA VAL A 261 35.02 -4.90 21.24
C VAL A 261 35.43 -6.25 20.73
N GLU A 262 36.53 -6.77 21.22
CA GLU A 262 37.03 -8.09 20.81
C GLU A 262 36.09 -9.20 21.26
N ASN A 263 35.46 -9.06 22.44
CA ASN A 263 34.56 -10.10 22.93
C ASN A 263 33.11 -9.91 22.48
N ARG A 264 32.74 -8.72 21.96
CA ARG A 264 31.40 -8.46 21.44
C ARG A 264 31.14 -9.28 20.16
N PRO A 265 29.95 -9.92 19.96
CA PRO A 265 29.74 -10.71 18.72
C PRO A 265 29.72 -9.90 17.42
N GLY A 266 29.88 -10.61 16.32
CA GLY A 266 29.80 -10.03 14.97
C GLY A 266 28.39 -10.27 14.50
N PHE A 267 27.98 -9.63 13.42
CA PHE A 267 26.62 -9.83 12.90
C PHE A 267 26.34 -11.26 12.50
N ALA A 268 27.37 -12.01 12.11
CA ALA A 268 27.28 -13.42 11.77
C ALA A 268 26.67 -14.21 12.96
N ALA A 269 27.23 -14.00 14.18
CA ALA A 269 26.82 -14.66 15.42
C ALA A 269 25.52 -14.10 15.95
N VAL A 270 25.24 -12.79 15.70
CA VAL A 270 24.03 -12.09 16.14
C VAL A 270 22.84 -12.63 15.29
N GLU A 271 22.94 -12.53 13.94
CA GLU A 271 21.94 -13.00 12.98
C GLU A 271 21.64 -14.47 13.21
N LEU A 272 22.67 -15.27 13.58
CA LEU A 272 22.50 -16.68 13.89
C LEU A 272 21.57 -16.84 15.08
N ARG A 273 21.86 -16.14 16.20
CA ARG A 273 21.04 -16.12 17.41
C ARG A 273 19.61 -15.62 17.13
N LEU A 274 19.42 -14.73 16.14
CA LEU A 274 18.07 -14.30 15.82
C LEU A 274 17.34 -15.33 14.96
N ARG A 275 18.08 -15.96 14.00
CA ARG A 275 17.62 -17.01 13.07
C ARG A 275 17.20 -18.24 13.85
N ASN A 276 18.07 -18.69 14.75
CA ASN A 276 17.85 -19.88 15.56
C ASN A 276 16.69 -19.71 16.48
N TYR A 277 16.52 -18.51 17.05
CA TYR A 277 15.38 -18.24 17.94
C TYR A 277 14.07 -18.25 17.15
N TYR A 278 14.02 -17.49 16.03
CA TYR A 278 12.86 -17.36 15.16
C TYR A 278 12.37 -18.70 14.63
N TYR A 279 13.31 -19.56 14.16
CA TYR A 279 13.07 -20.90 13.62
C TYR A 279 12.25 -21.74 14.61
N ASP A 280 12.52 -21.59 15.92
CA ASP A 280 11.79 -22.28 16.99
C ASP A 280 10.42 -21.60 17.11
N VAL A 281 10.39 -20.31 17.53
CA VAL A 281 9.23 -19.44 17.74
C VAL A 281 8.01 -19.72 16.78
N VAL A 282 8.25 -19.84 15.46
CA VAL A 282 7.20 -20.09 14.45
C VAL A 282 6.71 -21.55 14.55
N ASN A 283 7.64 -22.53 14.62
CA ASN A 283 7.31 -23.95 14.71
C ASN A 283 6.87 -24.38 16.14
N GLU A 284 7.81 -24.36 17.14
CA GLU A 284 7.58 -24.72 18.55
C GLU A 284 6.69 -23.67 19.32
N GLY A 285 5.83 -22.97 18.58
CA GLY A 285 4.92 -21.95 19.09
C GLY A 285 3.92 -21.49 18.05
N VAL B 11 -41.80 -2.27 -3.28
CA VAL B 11 -41.12 -3.39 -2.63
C VAL B 11 -41.74 -4.76 -2.97
N TYR B 12 -43.01 -4.78 -3.43
CA TYR B 12 -43.70 -6.00 -3.82
C TYR B 12 -44.50 -5.72 -5.08
N LEU B 13 -43.90 -6.02 -6.22
CA LEU B 13 -44.44 -5.74 -7.55
C LEU B 13 -45.40 -6.81 -8.05
N ASP B 14 -46.54 -6.36 -8.61
CA ASP B 14 -47.60 -7.19 -9.18
C ASP B 14 -47.10 -7.80 -10.49
N ARG B 15 -47.11 -9.15 -10.60
CA ARG B 15 -46.65 -9.84 -11.82
C ARG B 15 -47.59 -9.57 -13.01
N LYS B 16 -48.80 -9.02 -12.71
CA LYS B 16 -49.79 -8.58 -13.70
C LYS B 16 -49.18 -7.38 -14.47
N LEU B 17 -48.38 -6.55 -13.76
CA LEU B 17 -47.70 -5.39 -14.32
C LEU B 17 -46.32 -5.71 -14.92
N LEU B 18 -45.76 -6.90 -14.64
CA LEU B 18 -44.45 -7.27 -15.16
C LEU B 18 -44.52 -8.16 -16.42
N THR B 19 -43.82 -7.73 -17.49
CA THR B 19 -43.71 -8.40 -18.80
C THR B 19 -42.24 -8.71 -19.09
N LEU B 20 -41.90 -10.01 -19.20
CA LEU B 20 -40.50 -10.43 -19.45
C LEU B 20 -40.17 -10.84 -20.88
N GLU B 21 -38.99 -10.45 -21.36
CA GLU B 21 -38.54 -10.78 -22.71
C GLU B 21 -37.98 -12.21 -22.72
N ASP B 22 -37.40 -12.63 -23.86
CA ASP B 22 -36.81 -13.95 -24.00
C ASP B 22 -35.30 -13.87 -23.84
N LYS B 23 -34.64 -12.96 -24.60
CA LYS B 23 -33.18 -12.76 -24.54
C LYS B 23 -32.73 -12.13 -23.21
N GLU B 24 -31.65 -12.70 -22.66
CA GLU B 24 -31.03 -12.33 -21.40
C GLU B 24 -30.01 -11.22 -21.57
N LEU B 25 -29.77 -10.47 -20.51
CA LEU B 25 -28.78 -9.39 -20.44
C LEU B 25 -27.53 -9.84 -19.66
N GLY B 26 -27.64 -11.02 -19.03
CA GLY B 26 -26.57 -11.62 -18.26
C GLY B 26 -27.00 -12.93 -17.63
N SER B 27 -26.12 -13.48 -16.74
CA SER B 27 -26.33 -14.72 -16.01
C SER B 27 -25.27 -14.87 -14.90
N GLY B 28 -25.47 -15.88 -14.04
CA GLY B 28 -24.58 -16.25 -12.94
C GLY B 28 -25.10 -17.46 -12.19
N ASN B 29 -24.56 -17.72 -10.98
CA ASN B 29 -25.04 -18.84 -10.15
C ASN B 29 -26.41 -18.51 -9.59
N PHE B 30 -26.70 -17.18 -9.49
CA PHE B 30 -27.97 -16.64 -9.05
C PHE B 30 -29.07 -17.07 -10.02
N GLY B 31 -28.85 -16.84 -11.32
CA GLY B 31 -29.76 -17.19 -12.39
C GLY B 31 -29.55 -16.31 -13.60
N THR B 32 -30.65 -15.95 -14.29
CA THR B 32 -30.65 -15.13 -15.52
C THR B 32 -31.14 -13.69 -15.30
N VAL B 33 -30.63 -12.76 -16.10
CA VAL B 33 -31.00 -11.34 -16.06
C VAL B 33 -31.81 -10.98 -17.31
N LYS B 34 -33.11 -11.35 -17.37
CA LYS B 34 -33.96 -11.04 -18.52
C LYS B 34 -34.37 -9.56 -18.55
N LYS B 35 -34.52 -8.99 -19.77
CA LYS B 35 -35.02 -7.61 -19.98
C LYS B 35 -36.53 -7.71 -19.85
N GLY B 36 -37.15 -6.67 -19.32
CA GLY B 36 -38.59 -6.64 -19.11
C GLY B 36 -39.16 -5.24 -19.12
N TYR B 37 -40.48 -5.16 -19.04
CA TYR B 37 -41.22 -3.92 -19.05
C TYR B 37 -42.18 -3.94 -17.87
N TYR B 38 -42.31 -2.82 -17.14
CA TYR B 38 -43.16 -2.83 -15.97
C TYR B 38 -44.21 -1.74 -15.98
N GLN B 39 -45.52 -2.13 -16.02
CA GLN B 39 -46.68 -1.22 -15.98
C GLN B 39 -46.55 -0.38 -14.72
N MET B 40 -46.13 0.85 -14.92
CA MET B 40 -45.83 1.81 -13.88
C MET B 40 -46.89 2.93 -13.88
N LYS B 41 -46.65 4.03 -13.10
CA LYS B 41 -47.48 5.24 -12.90
C LYS B 41 -48.60 5.41 -13.95
N LYS B 42 -48.24 5.86 -15.18
CA LYS B 42 -49.12 6.06 -16.34
C LYS B 42 -48.36 5.64 -17.62
N VAL B 43 -47.09 5.30 -17.44
CA VAL B 43 -46.17 4.89 -18.49
C VAL B 43 -45.72 3.45 -18.24
N VAL B 44 -44.62 3.07 -18.86
CA VAL B 44 -43.99 1.77 -18.71
C VAL B 44 -42.50 1.98 -18.54
N LYS B 45 -41.94 1.43 -17.46
CA LYS B 45 -40.53 1.50 -17.16
C LYS B 45 -39.84 0.25 -17.75
N THR B 46 -38.61 0.42 -18.27
CA THR B 46 -37.87 -0.73 -18.78
C THR B 46 -37.10 -1.28 -17.61
N VAL B 47 -37.24 -2.55 -17.34
CA VAL B 47 -36.56 -3.10 -16.18
C VAL B 47 -35.62 -4.25 -16.54
N ALA B 48 -34.55 -4.43 -15.73
CA ALA B 48 -33.58 -5.52 -15.79
C ALA B 48 -34.05 -6.43 -14.66
N VAL B 49 -34.20 -7.74 -14.93
CA VAL B 49 -34.76 -8.61 -13.90
C VAL B 49 -33.90 -9.83 -13.62
N LYS B 50 -33.42 -9.92 -12.37
CA LYS B 50 -32.62 -11.00 -11.79
C LYS B 50 -33.62 -12.13 -11.37
N ILE B 51 -33.54 -13.29 -12.04
CA ILE B 51 -34.42 -14.43 -11.76
C ILE B 51 -33.62 -15.59 -11.17
N LEU B 52 -34.01 -16.10 -9.99
CA LEU B 52 -33.30 -17.22 -9.38
C LEU B 52 -33.54 -18.53 -10.18
N LYS B 53 -32.47 -19.35 -10.34
CA LYS B 53 -32.46 -20.62 -11.08
C LYS B 53 -33.43 -21.67 -10.54
N PRO B 59 -32.71 -21.65 -2.04
CA PRO B 59 -32.04 -22.23 -0.86
C PRO B 59 -31.62 -21.14 0.14
N ALA B 60 -30.36 -20.66 0.03
CA ALA B 60 -29.77 -19.57 0.81
C ALA B 60 -29.71 -18.39 -0.15
N LEU B 61 -29.57 -18.71 -1.47
CA LEU B 61 -29.55 -17.83 -2.63
C LEU B 61 -30.70 -16.80 -2.57
N LYS B 62 -31.84 -17.19 -1.95
CA LYS B 62 -33.03 -16.37 -1.74
C LYS B 62 -32.68 -15.23 -0.77
N ASP B 63 -32.07 -15.58 0.40
CA ASP B 63 -31.64 -14.63 1.43
C ASP B 63 -30.30 -13.94 1.05
N GLU B 64 -29.64 -14.46 -0.01
CA GLU B 64 -28.40 -13.96 -0.63
C GLU B 64 -28.77 -12.84 -1.62
N LEU B 65 -29.90 -13.02 -2.35
CA LEU B 65 -30.45 -12.05 -3.31
C LEU B 65 -31.28 -11.01 -2.54
N LEU B 66 -31.79 -11.38 -1.34
CA LEU B 66 -32.53 -10.49 -0.45
C LEU B 66 -31.55 -9.52 0.20
N ALA B 67 -30.29 -9.97 0.38
CA ALA B 67 -29.22 -9.14 0.90
C ALA B 67 -28.92 -8.05 -0.16
N GLU B 68 -28.74 -8.45 -1.45
CA GLU B 68 -28.54 -7.53 -2.57
C GLU B 68 -29.73 -6.54 -2.72
N ALA B 69 -30.99 -7.02 -2.55
CA ALA B 69 -32.19 -6.19 -2.63
C ALA B 69 -32.29 -5.21 -1.47
N ASN B 70 -31.69 -5.58 -0.30
CA ASN B 70 -31.69 -4.74 0.90
C ASN B 70 -30.69 -3.57 0.78
N VAL B 71 -29.45 -3.87 0.31
CA VAL B 71 -28.39 -2.87 0.06
C VAL B 71 -28.98 -1.84 -0.92
N MET B 72 -29.70 -2.31 -1.97
CA MET B 72 -30.31 -1.51 -3.01
C MET B 72 -31.47 -0.64 -2.53
N GLN B 73 -32.39 -1.21 -1.71
CA GLN B 73 -33.56 -0.52 -1.13
C GLN B 73 -33.19 0.78 -0.38
N GLN B 74 -32.03 0.72 0.33
CA GLN B 74 -31.47 1.79 1.14
C GLN B 74 -30.75 2.87 0.36
N LEU B 75 -30.33 2.55 -0.88
CA LEU B 75 -29.52 3.49 -1.67
C LEU B 75 -30.31 4.17 -2.78
N ASP B 76 -30.47 5.51 -2.64
CA ASP B 76 -31.10 6.40 -3.60
C ASP B 76 -30.06 7.47 -4.01
N ASN B 77 -29.49 7.28 -5.21
CA ASN B 77 -28.49 8.17 -5.82
C ASN B 77 -28.54 7.96 -7.32
N PRO B 78 -28.50 9.03 -8.14
CA PRO B 78 -28.52 8.83 -9.61
C PRO B 78 -27.51 7.85 -10.20
N TYR B 79 -26.30 7.73 -9.65
CA TYR B 79 -25.28 6.86 -10.24
C TYR B 79 -25.24 5.46 -9.61
N ILE B 80 -26.39 5.03 -9.10
CA ILE B 80 -26.50 3.72 -8.47
C ILE B 80 -27.80 3.06 -8.98
N VAL B 81 -27.69 1.83 -9.55
CA VAL B 81 -28.78 1.01 -10.09
C VAL B 81 -29.94 0.88 -9.10
N ARG B 82 -30.98 1.70 -9.31
CA ARG B 82 -32.19 1.75 -8.49
C ARG B 82 -32.97 0.46 -8.60
N MET B 83 -33.56 0.05 -7.49
CA MET B 83 -34.39 -1.14 -7.41
C MET B 83 -35.85 -0.63 -7.49
N ILE B 84 -36.67 -1.29 -8.31
CA ILE B 84 -38.09 -0.99 -8.47
C ILE B 84 -38.88 -1.82 -7.42
N GLY B 85 -38.41 -3.05 -7.14
CA GLY B 85 -38.97 -3.96 -6.14
C GLY B 85 -38.78 -5.45 -6.40
N ILE B 86 -39.39 -6.30 -5.55
CA ILE B 86 -39.31 -7.76 -5.67
C ILE B 86 -40.59 -8.33 -6.30
N CYS B 87 -40.55 -9.60 -6.76
CA CYS B 87 -41.68 -10.26 -7.41
C CYS B 87 -41.62 -11.76 -7.15
N GLU B 88 -42.57 -12.23 -6.34
CA GLU B 88 -42.68 -13.62 -5.90
C GLU B 88 -43.68 -14.40 -6.77
N ALA B 89 -43.37 -14.61 -8.06
CA ALA B 89 -44.26 -15.35 -8.97
C ALA B 89 -43.74 -16.76 -9.32
N GLU B 90 -43.41 -17.03 -10.61
CA GLU B 90 -42.87 -18.29 -11.15
C GLU B 90 -41.65 -18.70 -10.33
N SER B 91 -40.64 -17.79 -10.29
CA SER B 91 -39.40 -17.85 -9.51
C SER B 91 -39.13 -16.42 -9.04
N TRP B 92 -38.30 -16.25 -8.00
CA TRP B 92 -37.95 -14.95 -7.40
C TRP B 92 -37.32 -13.94 -8.36
N MET B 93 -37.93 -12.78 -8.44
CA MET B 93 -37.47 -11.73 -9.33
C MET B 93 -37.08 -10.46 -8.59
N LEU B 94 -35.86 -9.98 -8.85
CA LEU B 94 -35.31 -8.73 -8.30
C LEU B 94 -35.37 -7.74 -9.48
N VAL B 95 -36.30 -6.77 -9.40
CA VAL B 95 -36.59 -5.84 -10.50
C VAL B 95 -35.85 -4.52 -10.32
N MET B 96 -34.93 -4.24 -11.26
CA MET B 96 -34.10 -3.01 -11.21
C MET B 96 -34.32 -2.05 -12.41
N GLU B 97 -33.69 -0.88 -12.34
CA GLU B 97 -33.78 0.08 -13.41
C GLU B 97 -32.75 -0.30 -14.44
N MET B 98 -33.22 -0.44 -15.68
CA MET B 98 -32.44 -0.89 -16.85
C MET B 98 -31.25 0.02 -17.27
N ALA B 99 -30.06 -0.57 -17.40
CA ALA B 99 -28.93 0.21 -17.91
C ALA B 99 -28.84 -0.11 -19.43
N GLU B 100 -29.61 0.61 -20.23
CA GLU B 100 -29.80 0.47 -21.68
C GLU B 100 -28.55 0.04 -22.54
N LEU B 101 -27.33 0.40 -22.15
CA LEU B 101 -26.11 0.09 -22.92
C LEU B 101 -25.21 -1.02 -22.34
N GLY B 102 -25.37 -1.35 -21.07
CA GLY B 102 -24.63 -2.45 -20.48
C GLY B 102 -23.26 -2.17 -19.90
N PRO B 103 -22.55 -3.28 -19.53
CA PRO B 103 -21.26 -3.13 -18.82
C PRO B 103 -20.20 -2.30 -19.52
N LEU B 104 -19.54 -1.41 -18.76
CA LEU B 104 -18.52 -0.50 -19.25
C LEU B 104 -17.36 -1.20 -19.97
N ASN B 105 -16.89 -2.37 -19.45
CA ASN B 105 -15.78 -3.05 -20.13
C ASN B 105 -16.17 -3.50 -21.53
N LYS B 106 -17.29 -4.28 -21.64
CA LYS B 106 -17.80 -4.74 -22.94
C LYS B 106 -18.16 -3.56 -23.81
N TYR B 107 -18.79 -2.49 -23.24
CA TYR B 107 -19.12 -1.31 -24.03
C TYR B 107 -17.86 -0.67 -24.60
N LEU B 108 -16.81 -0.48 -23.77
CA LEU B 108 -15.58 0.16 -24.26
C LEU B 108 -14.74 -0.74 -25.19
N GLN B 109 -14.78 -2.08 -25.01
CA GLN B 109 -14.05 -3.01 -25.87
C GLN B 109 -14.61 -2.85 -27.30
N GLN B 110 -15.95 -2.95 -27.41
CA GLN B 110 -16.74 -2.84 -28.63
C GLN B 110 -16.93 -1.39 -29.14
N ASN B 111 -16.25 -0.36 -28.52
CA ASN B 111 -16.31 1.06 -28.95
C ASN B 111 -15.03 1.84 -28.64
N ARG B 112 -14.05 1.78 -29.55
CA ARG B 112 -12.75 2.44 -29.37
C ARG B 112 -12.72 3.88 -29.93
N HIS B 113 -13.89 4.41 -30.37
CA HIS B 113 -14.03 5.78 -30.87
C HIS B 113 -14.32 6.71 -29.70
N VAL B 114 -14.88 6.14 -28.57
CA VAL B 114 -15.24 6.84 -27.32
C VAL B 114 -14.03 7.67 -26.92
N LYS B 115 -14.21 8.98 -26.79
CA LYS B 115 -13.11 9.89 -26.52
C LYS B 115 -12.75 10.00 -25.03
N ASP B 116 -11.55 10.55 -24.75
CA ASP B 116 -10.98 10.76 -23.41
C ASP B 116 -11.95 11.55 -22.51
N LYS B 117 -12.54 12.62 -23.06
CA LYS B 117 -13.49 13.48 -22.35
C LYS B 117 -14.72 12.67 -21.94
N ASN B 118 -15.12 11.71 -22.79
CA ASN B 118 -16.25 10.81 -22.53
C ASN B 118 -15.94 9.86 -21.35
N ILE B 119 -14.75 9.17 -21.38
CA ILE B 119 -14.37 8.21 -20.34
C ILE B 119 -14.19 8.91 -18.96
N ILE B 120 -13.55 10.11 -18.92
CA ILE B 120 -13.40 10.90 -17.68
C ILE B 120 -14.78 11.04 -17.04
N GLU B 121 -15.75 11.61 -17.80
CA GLU B 121 -17.12 11.85 -17.38
C GLU B 121 -17.77 10.60 -16.76
N LEU B 122 -17.59 9.42 -17.38
CA LEU B 122 -18.13 8.15 -16.86
C LEU B 122 -17.43 7.69 -15.55
N VAL B 123 -16.07 7.77 -15.47
CA VAL B 123 -15.36 7.38 -14.23
C VAL B 123 -15.63 8.43 -13.12
N HIS B 124 -15.96 9.69 -13.51
CA HIS B 124 -16.29 10.72 -12.53
C HIS B 124 -17.67 10.38 -11.96
N GLN B 125 -18.56 9.84 -12.83
CA GLN B 125 -19.90 9.42 -12.43
C GLN B 125 -19.82 8.21 -11.49
N VAL B 126 -18.89 7.25 -11.75
CA VAL B 126 -18.64 6.09 -10.86
C VAL B 126 -18.19 6.67 -9.51
N SER B 127 -17.20 7.62 -9.55
CA SER B 127 -16.66 8.32 -8.36
C SER B 127 -17.74 9.04 -7.52
N MET B 128 -18.81 9.57 -8.15
CA MET B 128 -19.87 10.23 -7.38
C MET B 128 -20.74 9.22 -6.65
N GLY B 129 -21.19 8.18 -7.37
CA GLY B 129 -21.94 7.08 -6.78
C GLY B 129 -21.14 6.43 -5.66
N MET B 130 -19.79 6.34 -5.85
CA MET B 130 -18.92 5.79 -4.83
C MET B 130 -18.82 6.70 -3.59
N LYS B 131 -18.73 8.06 -3.77
CA LYS B 131 -18.74 9.06 -2.68
C LYS B 131 -20.03 8.93 -1.85
N TYR B 132 -21.18 8.65 -2.51
CA TYR B 132 -22.46 8.42 -1.84
C TYR B 132 -22.32 7.15 -0.95
N LEU B 133 -21.93 6.04 -1.55
CA LEU B 133 -21.75 4.78 -0.87
C LEU B 133 -20.82 4.84 0.30
N GLU B 134 -19.70 5.54 0.16
CA GLU B 134 -18.74 5.75 1.26
C GLU B 134 -19.42 6.51 2.44
N GLU B 135 -20.11 7.64 2.12
CA GLU B 135 -20.84 8.49 3.06
C GLU B 135 -21.96 7.74 3.80
N SER B 136 -22.61 6.78 3.12
CA SER B 136 -23.66 5.95 3.69
C SER B 136 -23.13 4.75 4.49
N ASN B 137 -21.82 4.57 4.53
CA ASN B 137 -21.13 3.49 5.24
C ASN B 137 -21.51 2.09 4.70
N PHE B 138 -21.24 1.93 3.39
CA PHE B 138 -21.38 0.72 2.61
C PHE B 138 -20.06 0.55 1.91
N VAL B 139 -19.68 -0.71 1.71
CA VAL B 139 -18.45 -1.15 1.07
C VAL B 139 -18.92 -1.98 -0.11
N HIS B 140 -18.76 -1.50 -1.35
CA HIS B 140 -19.20 -2.22 -2.54
C HIS B 140 -18.58 -3.65 -2.68
N ARG B 141 -17.28 -3.81 -2.36
CA ARG B 141 -16.52 -5.05 -2.36
C ARG B 141 -16.33 -5.74 -3.77
N ASP B 142 -17.01 -5.26 -4.86
CA ASP B 142 -16.86 -5.82 -6.22
C ASP B 142 -16.76 -4.77 -7.36
N LEU B 143 -16.32 -3.54 -7.01
CA LEU B 143 -16.18 -2.43 -7.95
C LEU B 143 -15.19 -2.85 -9.03
N ALA B 144 -15.63 -2.80 -10.28
CA ALA B 144 -14.89 -3.18 -11.49
C ALA B 144 -15.67 -2.65 -12.68
N ALA B 145 -14.99 -2.37 -13.83
CA ALA B 145 -15.61 -1.89 -15.06
C ALA B 145 -16.87 -2.69 -15.37
N ARG B 146 -16.80 -4.05 -15.30
CA ARG B 146 -17.93 -4.97 -15.52
C ARG B 146 -19.19 -4.65 -14.61
N ASN B 147 -18.99 -4.16 -13.37
CA ASN B 147 -20.10 -3.84 -12.46
C ASN B 147 -20.61 -2.37 -12.57
N VAL B 148 -20.09 -1.62 -13.56
CA VAL B 148 -20.55 -0.28 -13.94
C VAL B 148 -21.35 -0.53 -15.23
N LEU B 149 -22.62 -0.11 -15.25
CA LEU B 149 -23.44 -0.26 -16.45
C LEU B 149 -23.76 1.11 -17.04
N LEU B 150 -23.86 1.19 -18.36
CA LEU B 150 -24.17 2.43 -19.03
C LEU B 150 -25.66 2.56 -19.35
N VAL B 151 -26.27 3.68 -18.94
CA VAL B 151 -27.66 3.99 -19.24
C VAL B 151 -27.62 4.68 -20.60
N THR B 152 -26.81 5.74 -20.69
CA THR B 152 -26.37 6.50 -21.86
C THR B 152 -24.84 6.49 -21.98
N GLN B 153 -24.26 6.82 -23.14
CA GLN B 153 -22.79 6.84 -23.30
C GLN B 153 -22.28 7.95 -22.36
N HIS B 154 -23.21 8.71 -21.74
CA HIS B 154 -22.86 9.81 -20.84
C HIS B 154 -23.55 9.70 -19.46
N TYR B 155 -24.03 8.50 -19.07
CA TYR B 155 -24.69 8.28 -17.79
C TYR B 155 -24.45 6.86 -17.29
N ALA B 156 -23.56 6.70 -16.29
CA ALA B 156 -23.13 5.41 -15.72
C ALA B 156 -23.76 5.08 -14.35
N LYS B 157 -23.83 3.78 -14.03
CA LYS B 157 -24.41 3.33 -12.77
C LYS B 157 -23.66 2.15 -12.16
N ILE B 158 -23.41 2.21 -10.84
CA ILE B 158 -22.79 1.14 -10.08
C ILE B 158 -23.88 0.10 -9.79
N SER B 159 -23.61 -1.17 -10.20
CA SER B 159 -24.47 -2.35 -10.03
C SER B 159 -23.72 -3.50 -9.33
N ASP B 160 -24.36 -4.69 -9.24
CA ASP B 160 -23.84 -5.91 -8.63
C ASP B 160 -23.38 -5.67 -7.21
N PHE B 161 -24.36 -5.47 -6.30
CA PHE B 161 -24.22 -5.23 -4.86
C PHE B 161 -24.25 -6.56 -4.10
N GLY B 162 -23.76 -7.61 -4.74
CA GLY B 162 -23.72 -8.96 -4.19
C GLY B 162 -22.74 -9.12 -3.04
N LEU B 163 -21.51 -8.62 -3.22
CA LEU B 163 -20.45 -8.68 -2.22
C LEU B 163 -20.50 -7.51 -1.20
N SER B 164 -21.29 -6.45 -1.51
CA SER B 164 -21.45 -5.27 -0.68
C SER B 164 -21.95 -5.57 0.71
N LYS B 165 -21.39 -4.85 1.69
CA LYS B 165 -21.74 -4.98 3.09
C LYS B 165 -22.03 -3.58 3.62
N ALA B 166 -22.84 -3.51 4.70
CA ALA B 166 -23.29 -2.30 5.34
C ALA B 166 -22.66 -2.25 6.70
N LEU B 167 -21.59 -1.46 6.86
CA LEU B 167 -20.84 -1.35 8.11
C LEU B 167 -21.69 -0.91 9.32
N ARG B 168 -21.38 -1.45 10.52
CA ARG B 168 -22.01 -1.03 11.78
C ARG B 168 -21.64 0.42 12.01
N ALA B 169 -22.46 1.19 12.75
CA ALA B 169 -22.22 2.62 12.97
C ALA B 169 -20.87 2.96 13.64
N ASP B 170 -20.23 1.97 14.27
CA ASP B 170 -18.96 2.07 15.00
C ASP B 170 -17.75 1.47 14.25
N GLU B 171 -17.98 0.67 13.19
CA GLU B 171 -16.86 0.06 12.47
C GLU B 171 -16.53 0.82 11.16
N ASN B 172 -15.23 1.02 10.97
CA ASN B 172 -14.56 1.69 9.86
C ASN B 172 -14.29 0.72 8.70
N TYR B 173 -14.28 -0.60 8.98
CA TYR B 173 -14.04 -1.67 8.01
C TYR B 173 -14.86 -2.94 8.29
N TYR B 174 -14.84 -3.91 7.35
CA TYR B 174 -15.52 -5.21 7.37
C TYR B 174 -14.47 -6.29 7.26
N LYS B 175 -14.69 -7.44 7.90
CA LYS B 175 -13.74 -8.55 7.89
C LYS B 175 -14.39 -9.84 7.36
N ALA B 176 -13.75 -10.47 6.37
CA ALA B 176 -14.18 -11.69 5.69
C ALA B 176 -13.82 -12.94 6.51
N LYS B 181 -16.41 -13.31 -6.73
CA LYS B 181 -16.27 -13.68 -5.33
C LYS B 181 -15.01 -13.04 -4.70
N TRP B 182 -13.80 -13.44 -5.14
CA TRP B 182 -12.56 -12.83 -4.65
C TRP B 182 -11.72 -12.26 -5.84
N PRO B 183 -12.18 -11.11 -6.43
CA PRO B 183 -11.47 -10.54 -7.58
C PRO B 183 -10.17 -9.79 -7.23
N VAL B 184 -9.14 -10.56 -6.83
CA VAL B 184 -7.80 -10.16 -6.38
C VAL B 184 -7.23 -8.96 -7.15
N LYS B 185 -7.28 -9.01 -8.49
CA LYS B 185 -6.78 -7.96 -9.38
C LYS B 185 -7.41 -6.58 -9.17
N TRP B 186 -8.47 -6.50 -8.33
CA TRP B 186 -9.18 -5.27 -7.98
C TRP B 186 -8.96 -4.96 -6.53
N TYR B 187 -8.65 -5.99 -5.71
CA TYR B 187 -8.45 -5.84 -4.27
C TYR B 187 -7.14 -5.11 -3.88
N ALA B 188 -7.24 -4.33 -2.79
CA ALA B 188 -6.14 -3.61 -2.18
C ALA B 188 -5.31 -4.60 -1.33
N PRO B 189 -4.02 -4.29 -1.05
CA PRO B 189 -3.20 -5.24 -0.26
C PRO B 189 -3.73 -5.59 1.12
N GLU B 190 -4.37 -4.64 1.83
CA GLU B 190 -4.91 -4.88 3.16
C GLU B 190 -6.03 -5.90 3.15
N CYS B 191 -6.69 -6.06 1.97
CA CYS B 191 -7.78 -7.00 1.70
C CYS B 191 -7.20 -8.37 1.46
N ILE B 192 -6.16 -8.45 0.62
CA ILE B 192 -5.50 -9.70 0.26
C ILE B 192 -4.86 -10.33 1.50
N ASN B 193 -4.04 -9.51 2.17
CA ASN B 193 -3.32 -9.90 3.36
C ASN B 193 -4.22 -10.17 4.56
N TYR B 194 -5.09 -9.20 4.96
CA TYR B 194 -5.86 -9.28 6.20
C TYR B 194 -7.41 -9.27 6.07
N TYR B 195 -7.95 -9.25 4.83
CA TYR B 195 -9.40 -9.33 4.56
C TYR B 195 -10.23 -8.18 5.19
N LYS B 196 -9.67 -6.95 5.17
CA LYS B 196 -10.29 -5.76 5.77
C LYS B 196 -10.84 -4.84 4.68
N PHE B 197 -12.09 -5.05 4.26
CA PHE B 197 -12.63 -4.19 3.21
C PHE B 197 -13.23 -2.93 3.82
N SER B 198 -13.07 -1.81 3.11
CA SER B 198 -13.58 -0.49 3.52
C SER B 198 -13.66 0.41 2.27
N SER B 199 -14.22 1.65 2.38
CA SER B 199 -14.28 2.59 1.24
C SER B 199 -12.89 2.90 0.67
N LYS B 200 -11.83 2.72 1.50
CA LYS B 200 -10.46 2.88 1.07
C LYS B 200 -10.07 1.72 0.14
N SER B 201 -10.59 0.49 0.42
CA SER B 201 -10.35 -0.68 -0.43
C SER B 201 -11.09 -0.56 -1.75
N ASP B 202 -12.21 0.19 -1.73
CA ASP B 202 -13.01 0.45 -2.92
C ASP B 202 -12.32 1.52 -3.76
N VAL B 203 -11.36 2.28 -3.15
CA VAL B 203 -10.56 3.29 -3.85
C VAL B 203 -9.51 2.55 -4.62
N TRP B 204 -8.94 1.49 -4.02
CA TRP B 204 -8.01 0.65 -4.77
C TRP B 204 -8.73 0.06 -5.96
N SER B 205 -9.94 -0.48 -5.78
CA SER B 205 -10.70 -1.08 -6.88
C SER B 205 -11.09 -0.03 -7.88
N PHE B 206 -11.36 1.20 -7.38
CA PHE B 206 -11.71 2.31 -8.23
C PHE B 206 -10.57 2.66 -9.15
N GLY B 207 -9.34 2.53 -8.65
CA GLY B 207 -8.14 2.76 -9.44
C GLY B 207 -7.96 1.71 -10.52
N VAL B 208 -8.41 0.45 -10.22
CA VAL B 208 -8.36 -0.69 -11.13
C VAL B 208 -9.43 -0.51 -12.21
N LEU B 209 -10.59 0.05 -11.83
CA LEU B 209 -11.72 0.42 -12.72
C LEU B 209 -11.24 1.49 -13.71
N MET B 210 -10.63 2.60 -13.16
CA MET B 210 -10.04 3.74 -13.88
C MET B 210 -8.99 3.28 -14.89
N TRP B 211 -8.20 2.24 -14.54
CA TRP B 211 -7.23 1.70 -15.48
C TRP B 211 -7.99 1.06 -16.64
N GLU B 212 -8.85 0.02 -16.37
CA GLU B 212 -9.65 -0.71 -17.37
C GLU B 212 -10.32 0.20 -18.42
N ALA B 213 -10.98 1.29 -17.94
CA ALA B 213 -11.70 2.26 -18.76
C ALA B 213 -10.83 2.99 -19.77
N PHE B 214 -9.59 3.33 -19.41
CA PHE B 214 -8.71 4.00 -20.35
C PHE B 214 -8.01 2.99 -21.24
N SER B 215 -7.97 1.70 -20.80
CA SER B 215 -7.40 0.54 -21.51
C SER B 215 -8.39 0.01 -22.54
N TYR B 216 -9.62 0.61 -22.57
CA TYR B 216 -10.74 0.28 -23.45
C TYR B 216 -11.21 -1.14 -23.21
N GLY B 217 -11.38 -1.48 -21.94
CA GLY B 217 -11.86 -2.79 -21.53
C GLY B 217 -10.83 -3.90 -21.46
N GLN B 218 -9.52 -3.54 -21.57
CA GLN B 218 -8.45 -4.54 -21.44
C GLN B 218 -8.42 -5.01 -19.97
N LYS B 219 -8.28 -6.31 -19.75
CA LYS B 219 -8.29 -6.91 -18.41
C LYS B 219 -7.01 -6.57 -17.62
N PRO B 220 -7.14 -6.13 -16.35
CA PRO B 220 -5.93 -5.78 -15.56
C PRO B 220 -5.01 -6.96 -15.26
N TYR B 221 -3.68 -6.69 -15.22
CA TYR B 221 -2.62 -7.64 -14.92
C TYR B 221 -2.75 -8.94 -15.73
N ARG B 222 -3.01 -8.80 -17.06
CA ARG B 222 -3.17 -9.87 -18.06
C ARG B 222 -2.12 -10.99 -17.90
N GLY B 223 -2.58 -12.24 -17.89
CA GLY B 223 -1.72 -13.42 -17.74
C GLY B 223 -1.31 -13.81 -16.33
N MET B 224 -1.32 -12.85 -15.40
CA MET B 224 -0.88 -13.04 -14.02
C MET B 224 -1.89 -13.69 -13.11
N LYS B 225 -1.38 -14.56 -12.20
CA LYS B 225 -2.14 -15.22 -11.14
C LYS B 225 -2.28 -14.20 -10.00
N GLY B 226 -3.15 -14.50 -9.04
CA GLY B 226 -3.39 -13.67 -7.85
C GLY B 226 -2.14 -13.35 -7.06
N SER B 227 -1.30 -14.36 -6.80
CA SER B 227 -0.05 -14.21 -6.04
C SER B 227 1.01 -13.39 -6.80
N GLU B 228 1.03 -13.51 -8.13
CA GLU B 228 1.93 -12.76 -9.00
C GLU B 228 1.59 -11.28 -8.85
N VAL B 229 0.28 -10.95 -8.84
CA VAL B 229 -0.25 -9.59 -8.67
C VAL B 229 0.15 -9.06 -7.29
N THR B 230 -0.10 -9.85 -6.23
CA THR B 230 0.23 -9.51 -4.84
C THR B 230 1.73 -9.14 -4.72
N ALA B 231 2.61 -10.01 -5.24
CA ALA B 231 4.07 -9.86 -5.22
C ALA B 231 4.50 -8.58 -5.94
N MET B 232 3.82 -8.28 -7.08
CA MET B 232 4.06 -7.10 -7.93
C MET B 232 3.74 -5.84 -7.16
N LEU B 233 2.64 -5.86 -6.37
CA LEU B 233 2.23 -4.73 -5.55
C LEU B 233 3.23 -4.45 -4.42
N GLU B 234 3.63 -5.50 -3.66
CA GLU B 234 4.62 -5.41 -2.57
C GLU B 234 6.01 -4.97 -3.07
N LYS B 235 6.33 -5.23 -4.36
CA LYS B 235 7.56 -4.82 -5.05
C LYS B 235 7.47 -3.32 -5.47
N GLY B 236 6.36 -2.65 -5.09
CA GLY B 236 6.08 -1.25 -5.41
C GLY B 236 5.78 -1.02 -6.89
N GLU B 237 5.47 -2.10 -7.62
CA GLU B 237 5.13 -2.03 -9.03
C GLU B 237 3.61 -1.97 -9.22
N ARG B 238 3.17 -1.14 -10.17
CA ARG B 238 1.78 -0.89 -10.51
C ARG B 238 1.68 -0.94 -12.01
N MET B 239 0.45 -1.18 -12.54
CA MET B 239 0.21 -1.22 -13.98
C MET B 239 0.56 0.12 -14.56
N GLY B 240 1.15 0.08 -15.76
CA GLY B 240 1.56 1.26 -16.51
C GLY B 240 0.43 2.12 -17.05
N CYS B 241 0.81 3.20 -17.74
CA CYS B 241 -0.13 4.14 -18.29
C CYS B 241 -0.74 3.58 -19.57
N PRO B 242 -2.07 3.29 -19.62
CA PRO B 242 -2.64 2.81 -20.89
C PRO B 242 -2.47 3.89 -21.96
N ALA B 243 -2.20 3.46 -23.20
CA ALA B 243 -2.01 4.30 -24.37
C ALA B 243 -3.09 5.38 -24.54
N GLY B 244 -2.65 6.64 -24.59
CA GLY B 244 -3.50 7.80 -24.78
C GLY B 244 -4.24 8.29 -23.55
N CYS B 245 -4.04 7.64 -22.38
CA CYS B 245 -4.67 7.99 -21.10
C CYS B 245 -4.15 9.32 -20.54
N PRO B 246 -5.04 10.34 -20.32
CA PRO B 246 -4.57 11.64 -19.78
C PRO B 246 -3.68 11.43 -18.56
N ARG B 247 -2.44 11.95 -18.61
CA ARG B 247 -1.43 11.78 -17.56
C ARG B 247 -2.02 11.97 -16.16
N GLU B 248 -2.79 13.08 -15.94
CA GLU B 248 -3.43 13.40 -14.66
C GLU B 248 -4.38 12.27 -14.16
N MET B 249 -5.02 11.54 -15.10
CA MET B 249 -5.88 10.40 -14.76
C MET B 249 -5.02 9.20 -14.41
N TYR B 250 -3.78 9.12 -14.96
CA TYR B 250 -2.86 8.08 -14.55
C TYR B 250 -2.29 8.44 -13.16
N ASP B 251 -2.00 9.74 -12.90
CA ASP B 251 -1.53 10.25 -11.61
C ASP B 251 -2.53 9.89 -10.53
N LEU B 252 -3.85 9.99 -10.85
CA LEU B 252 -4.93 9.66 -9.93
C LEU B 252 -5.04 8.14 -9.64
N MET B 253 -4.81 7.25 -10.62
CA MET B 253 -4.84 5.78 -10.41
C MET B 253 -3.78 5.41 -9.37
N ASN B 254 -2.57 6.01 -9.51
CA ASN B 254 -1.47 5.73 -8.62
C ASN B 254 -1.80 6.15 -7.23
N LEU B 255 -2.59 7.24 -7.07
CA LEU B 255 -3.10 7.74 -5.78
C LEU B 255 -4.00 6.68 -5.13
N CYS B 256 -4.92 6.07 -5.92
CA CYS B 256 -5.81 4.98 -5.48
C CYS B 256 -4.99 3.77 -5.07
N TRP B 257 -3.90 3.53 -5.80
CA TRP B 257 -2.97 2.42 -5.68
C TRP B 257 -1.91 2.62 -4.59
N THR B 258 -2.24 3.36 -3.52
CA THR B 258 -1.38 3.65 -2.36
C THR B 258 -1.42 2.43 -1.45
N TYR B 259 -0.26 1.77 -1.21
CA TYR B 259 -0.17 0.57 -0.35
C TYR B 259 -0.79 0.79 1.05
N ASP B 260 -0.41 1.90 1.71
CA ASP B 260 -0.88 2.26 3.04
C ASP B 260 -2.26 2.89 2.96
N VAL B 261 -3.25 2.20 3.58
CA VAL B 261 -4.66 2.63 3.62
C VAL B 261 -4.89 3.99 4.21
N GLU B 262 -4.09 4.35 5.23
CA GLU B 262 -4.24 5.59 5.96
C GLU B 262 -3.87 6.75 5.05
N ASN B 263 -2.86 6.55 4.18
CA ASN B 263 -2.39 7.62 3.29
C ASN B 263 -3.12 7.65 1.93
N ARG B 264 -3.93 6.62 1.64
CA ARG B 264 -4.74 6.54 0.42
C ARG B 264 -5.92 7.56 0.43
N PRO B 265 -6.23 8.24 -0.71
CA PRO B 265 -7.39 9.14 -0.72
C PRO B 265 -8.72 8.42 -0.54
N GLY B 266 -9.71 9.14 -0.04
CA GLY B 266 -11.06 8.63 0.14
C GLY B 266 -11.84 8.92 -1.11
N PHE B 267 -13.13 8.64 -1.10
CA PHE B 267 -13.90 8.93 -2.31
C PHE B 267 -14.16 10.41 -2.47
N ALA B 268 -14.32 11.13 -1.35
CA ALA B 268 -14.51 12.57 -1.40
C ALA B 268 -13.31 13.22 -2.09
N ALA B 269 -12.09 12.74 -1.77
CA ALA B 269 -10.80 13.21 -2.28
C ALA B 269 -10.60 12.84 -3.76
N VAL B 270 -11.10 11.66 -4.16
CA VAL B 270 -11.05 11.09 -5.51
C VAL B 270 -12.02 11.85 -6.42
N GLU B 271 -13.26 12.10 -5.95
CA GLU B 271 -14.30 12.85 -6.67
C GLU B 271 -13.86 14.30 -6.84
N LEU B 272 -13.36 14.93 -5.77
CA LEU B 272 -12.83 16.30 -5.78
C LEU B 272 -11.73 16.51 -6.84
N ARG B 273 -10.91 15.49 -7.14
CA ARG B 273 -9.86 15.57 -8.16
C ARG B 273 -10.42 15.36 -9.57
N LEU B 274 -11.44 14.48 -9.73
CA LEU B 274 -12.07 14.21 -11.02
C LEU B 274 -13.01 15.37 -11.43
N ARG B 275 -13.79 15.89 -10.45
CA ARG B 275 -14.72 17.01 -10.63
C ARG B 275 -13.99 18.23 -11.14
N ASN B 276 -12.88 18.60 -10.46
CA ASN B 276 -12.02 19.74 -10.80
C ASN B 276 -11.36 19.58 -12.16
N TYR B 277 -10.85 18.36 -12.46
CA TYR B 277 -10.23 18.07 -13.76
C TYR B 277 -11.26 18.23 -14.87
N TYR B 278 -12.41 17.55 -14.73
CA TYR B 278 -13.51 17.58 -15.69
C TYR B 278 -14.09 18.99 -15.86
N TYR B 279 -14.26 19.76 -14.74
CA TYR B 279 -14.72 21.15 -14.68
C TYR B 279 -13.91 21.98 -15.70
N ASP B 280 -12.56 21.80 -15.69
CA ASP B 280 -11.60 22.48 -16.58
C ASP B 280 -11.64 21.89 -17.99
N VAL B 281 -11.50 20.55 -18.10
CA VAL B 281 -11.49 19.77 -19.36
C VAL B 281 -12.68 20.12 -20.31
N VAL B 282 -13.92 20.24 -19.77
CA VAL B 282 -15.07 20.59 -20.61
C VAL B 282 -15.11 22.10 -20.89
N ASN B 283 -14.65 22.93 -19.92
CA ASN B 283 -14.67 24.39 -20.05
C ASN B 283 -13.29 24.97 -20.32
#